data_2Y81
#
_entry.id   2Y81
#
_cell.length_a   56.665
_cell.length_b   72.033
_cell.length_c   78.151
_cell.angle_alpha   90.00
_cell.angle_beta   90.00
_cell.angle_gamma   90.00
#
_symmetry.space_group_name_H-M   'P 21 21 21'
#
loop_
_entity.id
_entity.type
_entity.pdbx_description
1 polymer 'ACTIVATED FACTOR XA HEAVY CHAIN'
2 polymer 'FACTOR X LIGHT CHAIN'
3 non-polymer '6-CHLORO-N-((3S)-2-OXO-1-{4-[(2R)-2--PYRROLIDINYL] PHENYL}-3-PYRROLIDINYL)-2-NAPHTHALENESULFONAMIDE'
4 non-polymer 'CALCIUM ION'
5 non-polymer 'MAGNESIUM ION'
6 water water
#
loop_
_entity_poly.entity_id
_entity_poly.type
_entity_poly.pdbx_seq_one_letter_code
_entity_poly.pdbx_strand_id
1 'polypeptide(L)'
;IVGGQECKDGECPWQALLINEENEGFCGGTILSEFYILTAAHCLYQAKRFKVRVGDRNTEQEEGGEAVHEVEVVIKHNRF
TKETYDFDIAVLRLKTPITFRMNVAPACLPERDWAESTLMTQKTGIVSGFGRTHEKGRQSTRLKMLEVPYVDRNSCKLSS
SFIITQNMFCAGYDTKQEDACQGDSGGPHVTRFKDTYFVTGIVSWGEGCARKGKYGIYTKVTAFLKWIDRSMKTRGLPKA
KSHAPEVITSSPLK
;
A
2 'polypeptide(L)'
;EEMKKGHLERECMEETCSYEEAREVFEDSDKTNEFWNKYKDGDQCETSPCQNQGKCKDGLGEYTCTCLEGFEGKNCELFT
RKLCSLDNGDCDQFCHEEQNSVVCSCARGYTLADNGKACIPTGPYPCGKQTLER
;
B
#
# COMPACT_ATOMS: atom_id res chain seq x y z
N ILE A 1 -11.95 7.11 2.69
CA ILE A 1 -11.37 8.10 1.70
C ILE A 1 -12.30 9.30 1.48
N VAL A 2 -11.76 10.49 1.77
CA VAL A 2 -12.45 11.75 1.58
C VAL A 2 -12.04 12.26 0.20
N GLY A 3 -13.01 12.52 -0.66
CA GLY A 3 -12.71 12.93 -2.02
C GLY A 3 -12.32 11.69 -2.84
N GLY A 4 -11.50 11.89 -3.86
CA GLY A 4 -11.06 10.76 -4.70
C GLY A 4 -12.18 10.16 -5.53
N GLN A 5 -11.95 8.95 -6.02
CA GLN A 5 -12.88 8.28 -6.91
C GLN A 5 -13.12 6.84 -6.48
N GLU A 6 -14.20 6.25 -6.99
CA GLU A 6 -14.40 4.82 -6.81
C GLU A 6 -13.31 4.04 -7.51
N CYS A 7 -12.88 2.94 -6.90
CA CYS A 7 -12.04 1.98 -7.62
C CYS A 7 -12.97 1.27 -8.59
N LYS A 8 -12.73 1.46 -9.88
CA LYS A 8 -13.52 0.79 -10.92
C LYS A 8 -13.00 -0.64 -11.09
N ASP A 9 -13.70 -1.46 -11.88
CA ASP A 9 -13.42 -2.88 -12.01
C ASP A 9 -11.96 -3.13 -12.35
N GLY A 10 -11.28 -3.85 -11.45
CA GLY A 10 -9.87 -4.23 -11.61
C GLY A 10 -8.81 -3.18 -11.28
N GLU A 11 -9.23 -1.99 -10.82
CA GLU A 11 -8.28 -0.89 -10.59
C GLU A 11 -7.50 -0.95 -9.28
N CYS A 12 -8.04 -1.64 -8.29
CA CYS A 12 -7.38 -1.68 -6.98
C CYS A 12 -7.33 -3.14 -6.51
N PRO A 13 -6.73 -4.01 -7.33
CA PRO A 13 -6.88 -5.44 -7.02
C PRO A 13 -6.12 -5.93 -5.80
N TRP A 14 -5.18 -5.13 -5.30
CA TRP A 14 -4.35 -5.48 -4.12
C TRP A 14 -5.00 -5.07 -2.80
N GLN A 15 -6.17 -4.45 -2.86
CA GLN A 15 -6.84 -4.03 -1.64
C GLN A 15 -7.35 -5.24 -0.86
N ALA A 16 -7.09 -5.25 0.45
CA ALA A 16 -7.63 -6.26 1.37
C ALA A 16 -8.43 -5.54 2.43
N LEU A 17 -9.42 -6.21 2.99
CA LEU A 17 -10.25 -5.60 4.04
C LEU A 17 -10.26 -6.52 5.24
N LEU A 18 -9.96 -5.96 6.41
CA LEU A 18 -9.96 -6.75 7.63
C LEU A 18 -11.36 -6.60 8.17
N ILE A 19 -11.98 -7.74 8.46
CA ILE A 19 -13.36 -7.76 8.89
C ILE A 19 -13.50 -8.42 10.25
N ASN A 20 -14.35 -7.86 11.09
CA ASN A 20 -14.53 -8.40 12.44
C ASN A 20 -15.58 -9.53 12.48
N GLU A 21 -15.88 -9.99 13.70
CA GLU A 21 -16.88 -11.03 13.95
C GLU A 21 -18.23 -10.71 13.29
N GLU A 22 -18.55 -9.42 13.22
CA GLU A 22 -19.82 -8.97 12.64
C GLU A 22 -19.77 -8.79 11.11
N ASN A 23 -18.66 -9.23 10.50
CA ASN A 23 -18.48 -9.16 9.05
C ASN A 23 -18.38 -7.71 8.52
N GLU A 24 -17.91 -6.80 9.36
CA GLU A 24 -17.75 -5.40 8.99
C GLU A 24 -16.28 -5.01 8.88
N GLY A 25 -15.95 -4.24 7.85
CA GLY A 25 -14.57 -3.80 7.67
C GLY A 25 -14.18 -2.74 8.69
N PHE A 26 -12.97 -2.86 9.23
CA PHE A 26 -12.49 -1.87 10.20
C PHE A 26 -11.10 -1.35 9.85
N CYS A 27 -10.45 -2.03 8.92
CA CYS A 27 -9.13 -1.63 8.46
C CYS A 27 -8.86 -2.25 7.11
N GLY A 28 -7.90 -1.66 6.40
CA GLY A 28 -7.48 -2.18 5.10
C GLY A 28 -6.19 -2.97 5.24
N GLY A 29 -5.76 -3.51 4.11
CA GLY A 29 -4.52 -4.24 4.01
C GLY A 29 -4.10 -4.25 2.56
N THR A 30 -2.87 -4.68 2.29
CA THR A 30 -2.40 -4.82 0.91
C THR A 30 -2.00 -6.26 0.67
N ILE A 31 -2.50 -6.84 -0.42
CA ILE A 31 -2.09 -8.18 -0.81
C ILE A 31 -0.65 -8.16 -1.31
N LEU A 32 0.21 -8.93 -0.64
CA LEU A 32 1.61 -9.02 -1.05
C LEU A 32 1.93 -10.28 -1.86
N SER A 33 1.17 -11.34 -1.60
CA SER A 33 1.42 -12.62 -2.29
C SER A 33 0.22 -13.51 -1.97
N GLU A 34 0.23 -14.76 -2.44
CA GLU A 34 -0.92 -15.64 -2.19
C GLU A 34 -1.17 -15.89 -0.68
N PHE A 35 -0.10 -15.84 0.12
CA PHE A 35 -0.26 -16.08 1.56
C PHE A 35 -0.16 -14.87 2.47
N TYR A 36 0.25 -13.71 1.95
CA TYR A 36 0.55 -12.61 2.85
C TYR A 36 -0.16 -11.28 2.62
N ILE A 37 -0.55 -10.66 3.72
CA ILE A 37 -1.20 -9.36 3.73
C ILE A 37 -0.38 -8.38 4.56
N LEU A 38 -0.22 -7.16 4.03
CA LEU A 38 0.46 -6.10 4.78
C LEU A 38 -0.61 -5.22 5.41
N THR A 39 -0.43 -4.87 6.69
CA THR A 39 -1.39 -3.96 7.35
C THR A 39 -0.69 -3.08 8.40
N ALA A 40 -1.48 -2.29 9.12
CA ALA A 40 -0.95 -1.46 10.21
C ALA A 40 -1.04 -2.24 11.52
N ALA A 41 0.00 -2.12 12.33
CA ALA A 41 0.04 -2.76 13.65
C ALA A 41 -1.10 -2.27 14.55
N HIS A 42 -1.44 -0.98 14.44
CA HIS A 42 -2.47 -0.41 15.29
C HIS A 42 -3.87 -0.99 15.02
N CYS A 43 -4.07 -1.54 13.82
CA CYS A 43 -5.35 -2.19 13.48
C CYS A 43 -5.59 -3.46 14.29
N LEU A 44 -4.53 -4.07 14.81
CA LEU A 44 -4.62 -5.35 15.52
C LEU A 44 -5.30 -5.27 16.90
N TYR A 45 -5.58 -4.06 17.36
CA TYR A 45 -6.24 -3.86 18.65
C TYR A 45 -7.72 -3.51 18.46
N GLN A 46 -8.14 -3.28 17.22
CA GLN A 46 -9.51 -2.87 16.90
C GLN A 46 -10.51 -4.02 16.75
N ALA A 47 -10.03 -5.25 16.83
CA ALA A 47 -10.86 -6.45 16.78
C ALA A 47 -10.15 -7.60 17.47
N LYS A 48 -10.91 -8.34 18.28
CA LYS A 48 -10.41 -9.49 19.02
C LYS A 48 -10.03 -10.62 18.05
N ARG A 49 -10.97 -10.95 17.16
CA ARG A 49 -10.77 -11.95 16.11
C ARG A 49 -11.19 -11.30 14.81
N PHE A 50 -10.45 -11.57 13.74
CA PHE A 50 -10.77 -10.99 12.44
C PHE A 50 -10.33 -11.89 11.30
N LYS A 51 -10.95 -11.69 10.14
CA LYS A 51 -10.58 -12.42 8.93
C LYS A 51 -10.21 -11.39 7.87
N VAL A 52 -9.78 -11.85 6.70
CA VAL A 52 -9.40 -10.92 5.64
C VAL A 52 -10.27 -11.19 4.41
N ARG A 53 -10.89 -10.14 3.88
CA ARG A 53 -11.65 -10.27 2.64
C ARG A 53 -10.87 -9.63 1.49
N VAL A 54 -10.86 -10.30 0.35
CA VAL A 54 -10.23 -9.79 -0.86
C VAL A 54 -11.26 -9.83 -1.98
N GLY A 55 -11.00 -9.07 -3.05
CA GLY A 55 -11.88 -9.05 -4.22
C GLY A 55 -13.18 -8.28 -4.06
N ASP A 56 -13.30 -7.51 -2.99
CA ASP A 56 -14.54 -6.80 -2.73
C ASP A 56 -14.43 -5.33 -3.13
N ARG A 57 -15.47 -4.78 -3.77
CA ARG A 57 -15.50 -3.36 -4.13
C ARG A 57 -16.78 -2.69 -3.60
N ASN A 58 -17.77 -3.52 -3.27
CA ASN A 58 -19.08 -3.07 -2.79
C ASN A 58 -19.54 -3.99 -1.66
N THR A 59 -19.53 -3.50 -0.42
CA THR A 59 -19.92 -4.32 0.73
C THR A 59 -21.42 -4.62 0.80
N GLU A 60 -22.20 -4.04 -0.11
CA GLU A 60 -23.65 -4.28 -0.14
C GLU A 60 -24.11 -5.41 -1.09
N GLN A 61 -23.28 -5.74 -2.08
CA GLN A 61 -23.63 -6.78 -3.07
C GLN A 61 -22.58 -7.89 -3.20
N GLU A 62 -22.93 -8.93 -3.97
CA GLU A 62 -22.03 -10.05 -4.27
C GLU A 62 -21.56 -9.93 -5.73
N GLU A 63 -20.31 -9.52 -5.91
CA GLU A 63 -19.71 -9.30 -7.23
C GLU A 63 -19.22 -10.60 -7.87
N GLY A 64 -19.19 -11.67 -7.07
CA GLY A 64 -18.78 -13.01 -7.51
C GLY A 64 -17.31 -13.31 -7.29
N GLY A 65 -16.51 -12.29 -7.03
CA GLY A 65 -15.07 -12.46 -6.87
C GLY A 65 -14.54 -12.36 -5.45
N GLU A 66 -15.42 -12.03 -4.51
CA GLU A 66 -15.02 -11.89 -3.10
C GLU A 66 -14.58 -13.23 -2.52
N ALA A 67 -13.60 -13.18 -1.62
CA ALA A 67 -13.13 -14.37 -0.93
C ALA A 67 -12.69 -14.01 0.48
N VAL A 68 -13.19 -14.76 1.46
CA VAL A 68 -12.78 -14.58 2.85
C VAL A 68 -11.68 -15.57 3.23
N HIS A 69 -10.65 -15.06 3.91
CA HIS A 69 -9.52 -15.85 4.36
C HIS A 69 -9.26 -15.71 5.85
N GLU A 70 -9.10 -16.86 6.51
CA GLU A 70 -8.76 -16.84 7.90
C GLU A 70 -7.26 -16.58 8.03
N VAL A 71 -6.88 -15.94 9.13
CA VAL A 71 -5.50 -15.63 9.41
C VAL A 71 -4.87 -16.77 10.22
N GLU A 72 -3.73 -17.25 9.75
CA GLU A 72 -2.99 -18.28 10.45
C GLU A 72 -2.00 -17.70 11.44
N VAL A 73 -1.23 -16.69 11.00
CA VAL A 73 -0.20 -16.08 11.83
C VAL A 73 -0.28 -14.56 11.74
N VAL A 74 -0.20 -13.90 12.89
CA VAL A 74 -0.18 -12.44 12.93
C VAL A 74 1.24 -12.06 13.34
N ILE A 75 1.91 -11.28 12.49
CA ILE A 75 3.29 -10.86 12.76
C ILE A 75 3.28 -9.34 12.95
N LYS A 76 3.26 -8.91 14.20
CA LYS A 76 3.24 -7.50 14.55
C LYS A 76 4.65 -6.99 14.83
N HIS A 77 4.96 -5.79 14.36
CA HIS A 77 6.28 -5.26 14.65
C HIS A 77 6.40 -5.07 16.17
N ASN A 78 7.43 -5.66 16.75
CA ASN A 78 7.61 -5.64 18.21
C ASN A 78 7.88 -4.25 18.80
N ARG A 79 8.34 -3.33 17.95
CA ARG A 79 8.65 -1.96 18.39
C ARG A 79 7.47 -0.98 18.24
N PHE A 80 6.32 -1.46 17.78
CA PHE A 80 5.14 -0.60 17.69
C PHE A 80 4.66 -0.16 19.06
N THR A 81 4.42 1.14 19.22
CA THR A 81 3.84 1.66 20.45
C THR A 81 2.66 2.57 20.13
N LYS A 82 1.59 2.38 20.89
CA LYS A 82 0.37 3.17 20.75
C LYS A 82 0.65 4.65 20.99
N GLU A 83 1.68 4.94 21.78
CA GLU A 83 2.03 6.30 22.16
C GLU A 83 2.59 7.17 21.05
N THR A 84 3.40 6.59 20.17
CA THR A 84 4.05 7.34 19.09
C THR A 84 3.58 6.94 17.70
N TYR A 85 2.92 5.78 17.62
CA TYR A 85 2.51 5.18 16.35
C TYR A 85 3.69 4.80 15.47
N ASP A 86 4.89 4.77 16.07
CA ASP A 86 6.08 4.37 15.35
C ASP A 86 6.04 2.88 15.09
N PHE A 87 6.66 2.44 13.99
CA PHE A 87 6.67 1.02 13.60
C PHE A 87 5.26 0.46 13.37
N ASP A 88 4.40 1.26 12.72
CA ASP A 88 3.01 0.89 12.51
C ASP A 88 2.90 -0.05 11.31
N ILE A 89 3.27 -1.31 11.55
CA ILE A 89 3.32 -2.32 10.51
C ILE A 89 3.10 -3.71 11.07
N ALA A 90 2.39 -4.53 10.29
CA ALA A 90 2.19 -5.93 10.64
C ALA A 90 2.01 -6.71 9.33
N VAL A 91 2.37 -7.99 9.35
CA VAL A 91 2.16 -8.88 8.21
C VAL A 91 1.28 -10.04 8.68
N LEU A 92 0.33 -10.43 7.83
CA LEU A 92 -0.59 -11.53 8.15
C LEU A 92 -0.33 -12.70 7.22
N ARG A 93 -0.16 -13.90 7.79
CA ARG A 93 -0.06 -15.11 6.97
C ARG A 93 -1.44 -15.75 7.01
N LEU A 94 -1.96 -16.06 5.83
CA LEU A 94 -3.30 -16.63 5.73
C LEU A 94 -3.23 -18.16 5.85
N LYS A 95 -4.33 -18.76 6.30
CA LYS A 95 -4.42 -20.23 6.39
C LYS A 95 -4.44 -20.89 5.00
N THR A 96 -5.11 -20.24 4.05
CA THR A 96 -5.27 -20.76 2.69
C THR A 96 -4.79 -19.70 1.67
N PRO A 97 -4.21 -20.15 0.53
CA PRO A 97 -3.71 -19.15 -0.43
C PRO A 97 -4.81 -18.39 -1.18
N ILE A 98 -4.53 -17.13 -1.47
CA ILE A 98 -5.45 -16.32 -2.26
C ILE A 98 -5.38 -16.74 -3.72
N THR A 99 -6.55 -16.89 -4.33
CA THR A 99 -6.64 -17.19 -5.75
C THR A 99 -6.76 -15.87 -6.51
N PHE A 100 -5.72 -15.54 -7.28
CA PHE A 100 -5.73 -14.30 -8.04
C PHE A 100 -6.74 -14.40 -9.18
N ARG A 101 -7.34 -13.26 -9.51
CA ARG A 101 -8.41 -13.14 -10.52
C ARG A 101 -8.72 -11.68 -10.70
N MET A 102 -9.75 -11.40 -11.50
CA MET A 102 -10.22 -10.04 -11.65
C MET A 102 -10.45 -9.46 -10.23
N ASN A 103 -9.84 -8.32 -9.94
CA ASN A 103 -9.96 -7.65 -8.62
C ASN A 103 -9.20 -8.28 -7.46
N VAL A 104 -8.34 -9.25 -7.75
CA VAL A 104 -7.55 -9.89 -6.72
C VAL A 104 -6.16 -10.16 -7.28
N ALA A 105 -5.20 -9.34 -6.88
CA ALA A 105 -3.81 -9.48 -7.34
C ALA A 105 -2.87 -8.76 -6.38
N PRO A 106 -1.62 -9.21 -6.26
CA PRO A 106 -0.70 -8.59 -5.31
C PRO A 106 -0.09 -7.29 -5.85
N ALA A 107 0.30 -6.39 -4.93
CA ALA A 107 1.07 -5.20 -5.31
C ALA A 107 2.53 -5.65 -5.25
N CYS A 108 3.41 -5.02 -6.01
CA CYS A 108 4.82 -5.44 -5.99
C CYS A 108 5.56 -4.81 -4.82
N LEU A 109 6.46 -5.56 -4.21
CA LEU A 109 7.37 -4.99 -3.21
C LEU A 109 8.60 -4.51 -3.97
N PRO A 110 8.99 -3.24 -3.77
CA PRO A 110 10.13 -2.73 -4.50
C PRO A 110 11.44 -2.99 -3.74
N GLU A 111 12.56 -2.65 -4.35
CA GLU A 111 13.85 -2.68 -3.64
C GLU A 111 13.99 -1.33 -2.95
N ARG A 112 14.68 -1.29 -1.82
CA ARG A 112 14.79 -0.03 -1.07
C ARG A 112 15.41 1.17 -1.79
N ASP A 113 16.67 1.03 -2.23
CA ASP A 113 17.35 2.16 -2.84
C ASP A 113 16.58 2.70 -4.03
N TRP A 114 16.11 1.78 -4.86
CA TRP A 114 15.39 2.17 -6.05
C TRP A 114 14.06 2.83 -5.71
N ALA A 115 13.32 2.25 -4.77
CA ALA A 115 12.06 2.84 -4.32
C ALA A 115 12.27 4.26 -3.77
N GLU A 116 13.30 4.44 -2.94
CA GLU A 116 13.54 5.77 -2.38
C GLU A 116 13.98 6.80 -3.41
N SER A 117 14.76 6.38 -4.41
CA SER A 117 15.26 7.31 -5.42
C SER A 117 14.29 7.59 -6.55
N THR A 118 13.48 6.58 -6.87
CA THR A 118 12.63 6.61 -8.06
C THR A 118 11.14 6.61 -7.81
N LEU A 119 10.68 5.87 -6.80
CA LEU A 119 9.25 5.87 -6.48
C LEU A 119 8.84 7.01 -5.57
N MET A 120 9.61 7.24 -4.51
CA MET A 120 9.23 8.25 -3.54
C MET A 120 9.50 9.66 -3.98
N THR A 121 10.19 9.80 -5.11
CA THR A 121 10.49 11.09 -5.71
C THR A 121 9.48 11.42 -6.80
N GLN A 122 8.54 10.50 -7.07
CA GLN A 122 7.44 10.75 -8.01
C GLN A 122 6.56 11.84 -7.40
N LYS A 123 5.73 12.46 -8.22
CA LYS A 123 4.86 13.52 -7.72
C LYS A 123 3.81 12.99 -6.74
N THR A 124 3.25 11.83 -7.06
CA THR A 124 2.13 11.28 -6.31
C THR A 124 2.16 9.77 -6.11
N GLY A 125 1.33 9.33 -5.16
CA GLY A 125 1.07 7.93 -4.86
C GLY A 125 -0.46 7.79 -4.86
N ILE A 126 -0.96 6.58 -4.64
CA ILE A 126 -2.41 6.32 -4.62
C ILE A 126 -2.76 5.61 -3.33
N VAL A 127 -3.73 6.15 -2.60
CA VAL A 127 -4.20 5.52 -1.35
C VAL A 127 -5.62 5.00 -1.62
N SER A 128 -5.98 3.88 -0.99
CA SER A 128 -7.30 3.31 -1.21
C SER A 128 -7.90 2.70 0.05
N GLY A 129 -9.22 2.56 0.07
CA GLY A 129 -9.90 1.90 1.17
C GLY A 129 -11.39 2.15 1.22
N PHE A 130 -12.01 1.49 2.19
CA PHE A 130 -13.45 1.57 2.47
C PHE A 130 -13.74 2.49 3.66
N GLY A 131 -12.76 3.34 4.00
CA GLY A 131 -12.93 4.26 5.11
C GLY A 131 -13.97 5.35 4.95
N ARG A 132 -14.16 6.12 6.02
CA ARG A 132 -15.09 7.24 6.00
C ARG A 132 -14.82 8.20 4.86
N THR A 133 -15.91 8.75 4.33
CA THR A 133 -15.85 9.69 3.22
C THR A 133 -15.86 11.17 3.68
N HIS A 134 -16.06 11.36 4.98
CA HIS A 134 -16.00 12.67 5.66
C HIS A 134 -15.48 12.39 7.07
N GLU A 135 -14.83 13.36 7.72
CA GLU A 135 -14.28 13.09 9.07
C GLU A 135 -15.37 12.50 9.97
N LYS A 136 -16.56 13.10 9.89
CA LYS A 136 -17.72 12.58 10.58
C LYS A 136 -18.61 11.93 9.53
N GLY A 137 -18.79 10.62 9.66
CA GLY A 137 -19.61 9.84 8.74
C GLY A 137 -19.42 8.36 9.00
N ARG A 138 -20.07 7.53 8.20
CA ARG A 138 -19.94 6.08 8.32
C ARG A 138 -18.92 5.59 7.29
N GLN A 139 -18.50 4.34 7.43
CA GLN A 139 -17.58 3.69 6.48
C GLN A 139 -18.22 3.67 5.08
N SER A 140 -17.39 3.81 4.05
CA SER A 140 -17.88 3.74 2.68
C SER A 140 -18.27 2.30 2.37
N THR A 141 -19.38 2.11 1.65
CA THR A 141 -19.76 0.77 1.21
C THR A 141 -19.00 0.43 -0.09
N ARG A 142 -18.39 1.44 -0.69
CA ARG A 142 -17.68 1.27 -1.95
C ARG A 142 -16.19 1.55 -1.77
N LEU A 143 -15.40 0.72 -2.43
CA LEU A 143 -13.95 0.92 -2.41
C LEU A 143 -13.57 2.18 -3.18
N LYS A 144 -12.75 3.03 -2.56
CA LYS A 144 -12.35 4.28 -3.18
C LYS A 144 -10.84 4.39 -3.28
N MET A 145 -10.36 5.22 -4.19
CA MET A 145 -8.91 5.49 -4.34
C MET A 145 -8.73 7.00 -4.44
N LEU A 146 -7.53 7.46 -4.12
CA LEU A 146 -7.22 8.87 -4.16
C LEU A 146 -5.76 9.05 -4.49
N GLU A 147 -5.49 9.92 -5.46
CA GLU A 147 -4.12 10.31 -5.81
C GLU A 147 -3.66 11.31 -4.76
N VAL A 148 -2.55 11.01 -4.07
CA VAL A 148 -2.03 11.86 -3.01
C VAL A 148 -0.59 12.27 -3.30
N PRO A 149 -0.35 13.59 -3.42
CA PRO A 149 1.00 14.07 -3.65
C PRO A 149 1.94 13.69 -2.51
N TYR A 150 3.16 13.34 -2.86
CA TYR A 150 4.18 13.21 -1.84
C TYR A 150 4.45 14.61 -1.28
N VAL A 151 4.62 14.69 0.02
CA VAL A 151 4.87 15.95 0.73
C VAL A 151 6.31 16.05 1.20
N ASP A 152 6.92 17.21 0.95
CA ASP A 152 8.27 17.52 1.40
C ASP A 152 8.39 17.16 2.88
N ARG A 153 9.47 16.48 3.23
CA ARG A 153 9.67 16.03 4.60
C ARG A 153 9.73 17.17 5.63
N ASN A 154 10.34 18.29 5.24
CA ASN A 154 10.42 19.48 6.11
C ASN A 154 9.03 20.05 6.38
N SER A 155 8.28 20.27 5.30
CA SER A 155 6.91 20.80 5.43
C SER A 155 6.06 19.90 6.29
N CYS A 156 6.21 18.60 6.12
CA CYS A 156 5.40 17.71 6.91
C CYS A 156 5.72 17.77 8.40
N LYS A 157 7.01 17.83 8.75
CA LYS A 157 7.39 17.94 10.15
C LYS A 157 6.86 19.23 10.75
N LEU A 158 6.97 20.32 10.01
CA LEU A 158 6.47 21.62 10.48
C LEU A 158 4.95 21.61 10.69
N SER A 159 4.24 20.87 9.85
CA SER A 159 2.78 20.80 9.91
C SER A 159 2.22 19.94 11.05
N SER A 160 3.05 19.04 11.56
CA SER A 160 2.60 18.04 12.53
C SER A 160 2.73 18.42 13.99
N SER A 161 1.67 18.15 14.75
CA SER A 161 1.65 18.37 16.19
C SER A 161 2.49 17.30 16.91
N PHE A 162 2.80 16.21 16.21
CA PHE A 162 3.54 15.10 16.77
C PHE A 162 4.76 14.76 15.93
N ILE A 163 5.71 14.04 16.54
CA ILE A 163 6.95 13.67 15.87
C ILE A 163 6.70 12.74 14.69
N ILE A 164 7.24 13.12 13.53
CA ILE A 164 7.23 12.29 12.33
C ILE A 164 8.56 11.58 12.33
N THR A 165 8.54 10.29 12.67
CA THR A 165 9.75 9.48 12.73
C THR A 165 10.25 9.10 11.34
N GLN A 166 11.44 8.53 11.27
CA GLN A 166 11.98 8.12 9.97
C GLN A 166 11.23 6.93 9.37
N ASN A 167 10.33 6.34 10.16
CA ASN A 167 9.50 5.23 9.69
C ASN A 167 8.17 5.70 9.13
N MET A 168 8.04 7.02 8.98
CA MET A 168 6.81 7.67 8.51
C MET A 168 7.09 8.64 7.38
N PHE A 169 6.09 8.86 6.53
CA PHE A 169 6.15 9.91 5.53
C PHE A 169 4.76 10.49 5.37
N CYS A 170 4.69 11.66 4.76
CA CYS A 170 3.45 12.35 4.60
C CYS A 170 3.03 12.46 3.15
N ALA A 171 1.73 12.40 2.93
CA ALA A 171 1.16 12.54 1.59
C ALA A 171 -0.21 13.14 1.71
N GLY A 172 -0.59 13.86 0.66
CA GLY A 172 -1.88 14.48 0.60
C GLY A 172 -1.79 15.95 0.25
N TYR A 173 -2.72 16.70 0.85
CA TYR A 173 -2.91 18.10 0.57
C TYR A 173 -2.96 19.00 1.81
N ASP A 174 -2.39 20.19 1.61
CA ASP A 174 -2.37 21.22 2.64
C ASP A 174 -3.82 21.61 2.93
N THR A 175 -4.53 22.13 1.92
CA THR A 175 -5.90 22.59 2.14
C THR A 175 -7.00 21.85 1.37
N LYS A 176 -6.68 21.32 0.17
CA LYS A 176 -7.66 20.59 -0.64
C LYS A 176 -8.28 19.48 0.21
N GLN A 177 -9.60 19.35 0.14
CA GLN A 177 -10.34 18.41 0.99
C GLN A 177 -10.34 16.95 0.57
N GLU A 178 -9.14 16.38 0.47
CA GLU A 178 -8.99 14.99 0.09
C GLU A 178 -7.94 14.36 0.98
N ASP A 179 -8.23 13.15 1.48
CA ASP A 179 -7.32 12.46 2.40
C ASP A 179 -7.89 11.08 2.66
N ALA A 180 -7.10 10.24 3.33
CA ALA A 180 -7.59 8.97 3.85
C ALA A 180 -8.36 9.37 5.11
N CYS A 181 -9.02 8.41 5.75
CA CYS A 181 -9.83 8.68 6.93
C CYS A 181 -10.09 7.40 7.75
N GLN A 182 -10.88 7.49 8.82
CA GLN A 182 -11.12 6.34 9.70
C GLN A 182 -11.59 5.11 8.94
N GLY A 183 -10.93 3.99 9.16
CA GLY A 183 -11.25 2.75 8.48
C GLY A 183 -10.32 2.47 7.31
N ASP A 184 -9.59 3.48 6.86
CA ASP A 184 -8.60 3.29 5.77
C ASP A 184 -7.27 2.77 6.31
N SER A 185 -7.07 2.91 7.62
CA SER A 185 -5.84 2.45 8.29
C SER A 185 -5.46 1.02 7.89
N GLY A 186 -4.16 0.83 7.63
CA GLY A 186 -3.63 -0.49 7.27
C GLY A 186 -3.67 -0.75 5.78
N GLY A 187 -4.40 0.09 5.06
CA GLY A 187 -4.60 -0.05 3.62
C GLY A 187 -3.41 0.37 2.76
N PRO A 188 -3.51 0.17 1.44
CA PRO A 188 -2.37 0.45 0.59
C PRO A 188 -2.11 1.90 0.23
N HIS A 189 -0.83 2.25 0.21
CA HIS A 189 -0.35 3.45 -0.49
C HIS A 189 0.57 2.82 -1.55
N VAL A 190 0.24 2.98 -2.82
CA VAL A 190 1.05 2.42 -3.91
C VAL A 190 1.53 3.54 -4.83
N THR A 191 2.63 3.29 -5.51
CA THR A 191 3.18 4.26 -6.45
C THR A 191 3.32 3.56 -7.79
N ARG A 192 2.81 4.23 -8.82
CA ARG A 192 2.84 3.70 -10.16
C ARG A 192 4.15 4.08 -10.85
N PHE A 193 4.76 3.09 -11.50
CA PHE A 193 5.94 3.35 -12.31
C PHE A 193 5.81 2.47 -13.56
N LYS A 194 5.70 3.11 -14.74
CA LYS A 194 5.52 2.35 -15.99
C LYS A 194 4.40 1.30 -15.94
N ASP A 195 3.21 1.76 -15.56
CA ASP A 195 2.04 0.90 -15.41
C ASP A 195 2.19 -0.30 -14.47
N THR A 196 3.15 -0.24 -13.53
CA THR A 196 3.29 -1.29 -12.51
C THR A 196 3.22 -0.58 -11.15
N TYR A 197 2.39 -1.09 -10.26
CA TYR A 197 2.16 -0.46 -8.96
C TYR A 197 2.93 -1.15 -7.86
N PHE A 198 3.72 -0.36 -7.13
CA PHE A 198 4.55 -0.87 -6.05
C PHE A 198 4.05 -0.35 -4.73
N VAL A 199 4.01 -1.22 -3.71
CA VAL A 199 3.58 -0.75 -2.41
C VAL A 199 4.68 0.14 -1.78
N THR A 200 4.27 1.35 -1.39
CA THR A 200 5.17 2.35 -0.84
C THR A 200 4.80 2.80 0.57
N GLY A 201 3.54 2.55 0.98
CA GLY A 201 3.13 2.98 2.31
C GLY A 201 1.99 2.19 2.90
N ILE A 202 1.74 2.40 4.19
CA ILE A 202 0.61 1.79 4.90
C ILE A 202 -0.12 2.98 5.52
N VAL A 203 -1.43 3.09 5.28
CA VAL A 203 -2.24 4.14 5.90
C VAL A 203 -2.06 4.03 7.42
N SER A 204 -1.59 5.10 8.06
CA SER A 204 -1.28 4.99 9.48
C SER A 204 -2.11 5.90 10.39
N TRP A 205 -1.98 7.22 10.21
CA TRP A 205 -2.71 8.16 11.07
C TRP A 205 -2.78 9.57 10.48
N GLY A 206 -3.63 10.41 11.08
CA GLY A 206 -3.77 11.78 10.65
C GLY A 206 -4.46 12.53 11.76
N GLU A 207 -4.24 13.84 11.82
CA GLU A 207 -4.89 14.68 12.82
C GLU A 207 -6.25 15.04 12.20
N GLY A 208 -7.22 14.14 12.38
CA GLY A 208 -8.50 14.27 11.71
C GLY A 208 -8.35 13.82 10.26
N CYS A 209 -9.28 14.24 9.41
CA CYS A 209 -9.25 13.87 8.00
C CYS A 209 -9.39 15.11 7.12
N ALA A 210 -8.47 15.27 6.16
CA ALA A 210 -8.47 16.37 5.19
C ALA A 210 -8.45 17.78 5.80
N ARG A 211 -7.90 17.89 6.99
CA ARG A 211 -7.82 19.18 7.66
C ARG A 211 -6.80 20.11 7.00
N LYS A 212 -7.13 21.39 7.04
CA LYS A 212 -6.24 22.41 6.50
C LYS A 212 -4.96 22.43 7.32
N GLY A 213 -3.83 22.43 6.61
CA GLY A 213 -2.52 22.45 7.23
C GLY A 213 -2.04 21.12 7.76
N LYS A 214 -2.81 20.06 7.53
CA LYS A 214 -2.44 18.72 7.99
C LYS A 214 -2.43 17.77 6.81
N TYR A 215 -1.56 16.76 6.90
CA TYR A 215 -1.39 15.75 5.85
C TYR A 215 -1.68 14.37 6.40
N GLY A 216 -1.82 13.41 5.49
CA GLY A 216 -1.96 11.99 5.89
C GLY A 216 -0.58 11.44 6.21
N ILE A 217 -0.52 10.65 7.29
CA ILE A 217 0.74 10.03 7.72
C ILE A 217 0.73 8.52 7.46
N TYR A 218 1.78 8.09 6.78
CA TYR A 218 1.90 6.71 6.31
C TYR A 218 3.16 6.03 6.81
N THR A 219 3.07 4.74 7.09
CA THR A 219 4.26 3.97 7.41
C THR A 219 5.11 3.87 6.14
N LYS A 220 6.41 4.12 6.27
CA LYS A 220 7.33 4.11 5.12
C LYS A 220 7.77 2.67 4.89
N VAL A 221 7.14 2.04 3.92
CA VAL A 221 7.40 0.64 3.65
C VAL A 221 8.88 0.38 3.33
N THR A 222 9.56 1.33 2.68
CA THR A 222 10.96 1.11 2.31
C THR A 222 11.85 0.85 3.52
N ALA A 223 11.43 1.35 4.69
CA ALA A 223 12.18 1.19 5.96
C ALA A 223 12.03 -0.22 6.57
N PHE A 224 11.08 -0.99 6.04
CA PHE A 224 10.74 -2.31 6.54
C PHE A 224 10.83 -3.43 5.53
N LEU A 225 11.50 -3.18 4.41
CA LEU A 225 11.57 -4.20 3.34
C LEU A 225 12.26 -5.47 3.78
N LYS A 226 13.39 -5.33 4.50
CA LYS A 226 14.05 -6.51 5.05
C LYS A 226 13.17 -7.24 6.06
N TRP A 227 12.49 -6.48 6.93
CA TRP A 227 11.62 -7.02 7.97
C TRP A 227 10.44 -7.76 7.32
N ILE A 228 9.91 -7.17 6.26
CA ILE A 228 8.80 -7.80 5.54
C ILE A 228 9.26 -9.13 4.93
N ASP A 229 10.41 -9.10 4.26
CA ASP A 229 11.00 -10.29 3.62
C ASP A 229 11.20 -11.40 4.62
N ARG A 230 11.76 -11.06 5.80
CA ARG A 230 11.95 -12.05 6.87
C ARG A 230 10.62 -12.61 7.38
N SER A 231 9.64 -11.72 7.58
CA SER A 231 8.31 -12.11 8.03
C SER A 231 7.61 -13.07 7.05
N MET A 232 7.87 -12.90 5.76
CA MET A 232 7.27 -13.75 4.74
C MET A 232 7.94 -15.13 4.65
N LYS A 233 9.15 -15.23 5.17
CA LYS A 233 9.92 -16.49 5.18
C LYS A 233 9.90 -17.13 6.56
N ARG B 81 22.41 14.15 -15.27
CA ARG B 81 21.70 12.84 -15.24
C ARG B 81 22.41 11.78 -16.07
N LYS B 82 22.84 10.71 -15.39
CA LYS B 82 23.54 9.59 -16.04
C LYS B 82 23.02 8.25 -15.53
N LEU B 83 23.31 7.19 -16.28
CA LEU B 83 22.94 5.82 -15.93
C LEU B 83 21.52 5.68 -15.37
N CYS B 84 21.40 5.24 -14.12
CA CYS B 84 20.07 5.05 -13.53
C CYS B 84 19.28 6.35 -13.33
N SER B 85 19.98 7.49 -13.30
CA SER B 85 19.32 8.79 -13.18
C SER B 85 18.82 9.31 -14.52
N LEU B 86 19.22 8.64 -15.59
CA LEU B 86 18.77 9.01 -16.92
C LEU B 86 17.63 8.08 -17.30
N ASP B 87 16.40 8.54 -17.10
CA ASP B 87 15.18 7.81 -17.41
C ASP B 87 15.23 6.36 -16.90
N ASN B 88 15.61 6.20 -15.64
CA ASN B 88 15.68 4.91 -14.99
C ASN B 88 16.57 3.85 -15.69
N GLY B 89 17.60 4.32 -16.39
CA GLY B 89 18.52 3.46 -17.10
C GLY B 89 17.84 2.70 -18.23
N ASP B 90 16.65 3.16 -18.62
CA ASP B 90 15.82 2.48 -19.63
C ASP B 90 15.25 1.13 -19.09
N CYS B 91 15.36 0.88 -17.78
CA CYS B 91 14.83 -0.33 -17.16
C CYS B 91 13.32 -0.21 -16.96
N ASP B 92 12.60 -1.33 -17.09
CA ASP B 92 11.16 -1.38 -16.76
C ASP B 92 10.95 -1.15 -15.26
N GLN B 93 11.81 -1.76 -14.46
CA GLN B 93 11.67 -1.74 -13.02
C GLN B 93 12.94 -1.30 -12.28
N PHE B 94 13.55 -2.20 -11.52
CA PHE B 94 14.71 -1.82 -10.71
C PHE B 94 15.93 -1.49 -11.57
N CYS B 95 16.63 -0.43 -11.20
CA CYS B 95 17.86 -0.05 -11.89
C CYS B 95 18.97 0.02 -10.84
N HIS B 96 20.08 -0.65 -11.12
CA HIS B 96 21.28 -0.63 -10.27
C HIS B 96 22.46 -0.19 -11.12
N GLU B 97 23.46 0.42 -10.48
CA GLU B 97 24.68 0.83 -11.16
C GLU B 97 25.84 -0.02 -10.64
N GLU B 98 26.27 -0.98 -11.45
CA GLU B 98 27.39 -1.86 -11.13
C GLU B 98 28.54 -1.44 -12.03
N GLN B 99 29.72 -1.26 -11.44
CA GLN B 99 30.89 -0.72 -12.13
C GLN B 99 30.49 0.72 -12.46
N ASN B 100 30.35 0.99 -13.75
CA ASN B 100 29.94 2.29 -14.24
C ASN B 100 28.85 2.08 -15.33
N SER B 101 28.01 1.06 -15.13
CA SER B 101 26.97 0.72 -16.10
C SER B 101 25.65 0.30 -15.45
N VAL B 102 24.58 0.37 -16.24
CA VAL B 102 23.24 0.00 -15.79
C VAL B 102 23.01 -1.51 -15.77
N VAL B 103 22.44 -1.99 -14.66
CA VAL B 103 22.01 -3.38 -14.53
C VAL B 103 20.51 -3.31 -14.10
N CYS B 104 19.61 -3.78 -14.97
CA CYS B 104 18.16 -3.82 -14.67
C CYS B 104 17.75 -5.14 -14.02
N SER B 105 16.67 -5.10 -13.26
CA SER B 105 16.12 -6.31 -12.65
C SER B 105 14.63 -6.07 -12.40
N CYS B 106 13.96 -7.11 -11.92
CA CYS B 106 12.50 -7.09 -11.79
C CYS B 106 12.04 -7.67 -10.47
N ALA B 107 10.79 -7.36 -10.12
CA ALA B 107 10.14 -7.92 -8.94
C ALA B 107 9.86 -9.40 -9.14
N ARG B 108 9.61 -10.12 -8.03
CA ARG B 108 9.29 -11.55 -8.08
C ARG B 108 8.03 -11.76 -8.92
N GLY B 109 8.04 -12.79 -9.74
CA GLY B 109 6.92 -13.02 -10.64
C GLY B 109 7.18 -12.52 -12.05
N TYR B 110 8.30 -11.81 -12.23
CA TYR B 110 8.74 -11.32 -13.54
C TYR B 110 10.12 -11.85 -13.87
N THR B 111 10.37 -12.04 -15.15
CA THR B 111 11.71 -12.45 -15.61
C THR B 111 12.27 -11.32 -16.49
N LEU B 112 13.57 -11.06 -16.36
CA LEU B 112 14.20 -10.03 -17.17
C LEU B 112 14.23 -10.52 -18.62
N ALA B 113 13.77 -9.65 -19.53
CA ALA B 113 13.71 -9.96 -20.95
C ALA B 113 15.11 -10.09 -21.54
N ASP B 114 15.19 -10.69 -22.73
CA ASP B 114 16.46 -10.89 -23.42
C ASP B 114 17.24 -9.58 -23.60
N ASN B 115 16.53 -8.45 -23.75
CA ASN B 115 17.22 -7.16 -23.88
C ASN B 115 17.81 -6.63 -22.56
N GLY B 116 17.57 -7.35 -21.47
CA GLY B 116 18.09 -7.00 -20.17
C GLY B 116 17.50 -5.73 -19.59
N LYS B 117 16.33 -5.33 -20.08
CA LYS B 117 15.69 -4.10 -19.63
C LYS B 117 14.23 -4.32 -19.22
N ALA B 118 13.46 -4.95 -20.11
CA ALA B 118 12.04 -5.19 -19.88
C ALA B 118 11.79 -6.33 -18.89
N CYS B 119 10.65 -6.27 -18.24
CA CYS B 119 10.25 -7.28 -17.26
C CYS B 119 9.02 -8.02 -17.79
N ILE B 120 9.16 -9.34 -17.93
CA ILE B 120 8.10 -10.15 -18.51
C ILE B 120 7.40 -10.97 -17.44
N PRO B 121 6.06 -10.86 -17.35
CA PRO B 121 5.31 -11.63 -16.33
C PRO B 121 5.46 -13.13 -16.55
N THR B 122 5.51 -13.89 -15.46
CA THR B 122 5.58 -15.36 -15.56
C THR B 122 4.18 -15.99 -15.53
N GLY B 123 3.17 -15.23 -15.11
CA GLY B 123 1.78 -15.71 -15.01
C GLY B 123 0.72 -14.67 -15.37
N PRO B 124 -0.58 -15.05 -15.28
CA PRO B 124 -1.69 -14.15 -15.64
C PRO B 124 -1.97 -13.01 -14.66
N TYR B 125 -1.46 -13.15 -13.44
CA TYR B 125 -1.65 -12.13 -12.39
C TYR B 125 -0.34 -11.66 -11.72
N PRO B 126 0.57 -11.09 -12.53
CA PRO B 126 1.84 -10.57 -12.02
C PRO B 126 1.58 -9.44 -11.02
N CYS B 127 2.48 -9.26 -10.06
CA CYS B 127 2.26 -8.19 -9.09
C CYS B 127 2.22 -6.84 -9.78
N GLY B 128 1.43 -5.94 -9.19
CA GLY B 128 1.41 -4.54 -9.60
C GLY B 128 0.66 -4.19 -10.87
N LYS B 129 0.00 -5.18 -11.46
CA LYS B 129 -0.79 -4.93 -12.67
C LYS B 129 -2.28 -4.90 -12.33
N GLN B 130 -2.95 -3.84 -12.74
CA GLN B 130 -4.40 -3.78 -12.60
C GLN B 130 -4.98 -4.92 -13.44
N THR B 131 -6.11 -5.44 -13.00
CA THR B 131 -6.75 -6.56 -13.70
C THR B 131 -7.89 -5.98 -14.54
N LEU B 132 -7.53 -5.31 -15.64
CA LEU B 132 -8.50 -4.60 -16.48
C LEU B 132 -9.03 -5.37 -17.67
N GLU B 133 -8.36 -6.22 -18.26
#